data_8I3G
#
_entry.id   8I3G
#
_cell.length_a   138.032
_cell.length_b   42.088
_cell.length_c   80.789
_cell.angle_alpha   90.00
_cell.angle_beta   95.35
_cell.angle_gamma   90.00
#
_symmetry.space_group_name_H-M   'C 1 2 1'
#
loop_
_entity.id
_entity.type
_entity.pdbx_description
1 polymer 'Chromatin modification-related protein EAF3'
2 polymer 'Chromatin modification-related protein EAF7'
3 water water
#
loop_
_entity_poly.entity_id
_entity_poly.type
_entity_poly.pdbx_seq_one_letter_code
_entity_poly.pdbx_strand_id
1 'polypeptide(L)'
;PKISLQIPIKLKSVLVDDWEYVTKDKKICRLPADVTVEMVLNKYEHEVSQELESPGSQSQLSEYCAGLKLYFDKCLGNML
LYRLERLQYDELLKKSSKDQKPLVPIRIYGAIHLLRLISVLPELISSTTMDLQSCQLLIKQTEDFLVWLLMHVDEYFNDK
DPNRSDDALYVNTSSQYEGVALGM
;
A,B
2 'polypeptide(L)' EETLLELNNRIRVRKQDFTLPWEEYGELILENARKS C,D
#
# COMPACT_ATOMS: atom_id res chain seq x y z
N PRO A 1 6.17 36.28 12.31
CA PRO A 1 5.70 35.42 11.22
C PRO A 1 6.14 33.95 11.41
N LYS A 2 5.18 33.09 11.75
CA LYS A 2 5.44 31.66 11.92
C LYS A 2 4.44 30.88 11.08
N ILE A 3 4.94 29.91 10.32
CA ILE A 3 4.09 28.93 9.63
C ILE A 3 3.61 27.93 10.70
N SER A 4 2.38 28.12 11.16
CA SER A 4 1.85 27.30 12.24
C SER A 4 1.44 25.88 11.86
N LEU A 5 2.19 24.89 12.34
CA LEU A 5 1.83 23.49 12.11
C LEU A 5 1.73 22.83 13.47
N GLN A 6 0.52 22.41 13.83
CA GLN A 6 0.33 21.72 15.10
C GLN A 6 0.70 20.25 14.93
N ILE A 7 1.75 19.83 15.63
CA ILE A 7 2.16 18.43 15.72
C ILE A 7 1.84 17.95 17.14
N PRO A 8 0.96 16.97 17.30
CA PRO A 8 0.62 16.49 18.64
C PRO A 8 1.86 16.18 19.47
N ILE A 9 1.76 16.44 20.78
CA ILE A 9 2.93 16.34 21.66
C ILE A 9 3.43 14.91 21.71
N LYS A 10 2.54 13.94 21.61
CA LYS A 10 2.96 12.54 21.59
C LYS A 10 3.84 12.25 20.40
N LEU A 11 3.48 12.80 19.25
CA LEU A 11 4.30 12.60 18.06
C LEU A 11 5.60 13.40 18.12
N LYS A 12 5.57 14.61 18.69
CA LYS A 12 6.84 15.30 18.96
C LYS A 12 7.72 14.45 19.88
N SER A 13 7.10 13.82 20.89
CA SER A 13 7.84 12.93 21.78
C SER A 13 8.42 11.73 21.04
N VAL A 14 7.68 11.19 20.06
CA VAL A 14 8.22 10.12 19.22
C VAL A 14 9.49 10.59 18.52
N LEU A 15 9.47 11.81 17.97
CA LEU A 15 10.64 12.33 17.27
C LEU A 15 11.83 12.51 18.20
N VAL A 16 11.58 12.78 19.48
CA VAL A 16 12.71 12.98 20.39
C VAL A 16 13.25 11.63 20.88
N ASP A 17 12.38 10.62 21.05
CA ASP A 17 12.88 9.28 21.31
C ASP A 17 13.78 8.79 20.18
N ASP A 18 13.35 9.01 18.93
CA ASP A 18 14.17 8.69 17.77
C ASP A 18 15.50 9.44 17.79
N TRP A 19 15.46 10.75 18.10
CA TRP A 19 16.70 11.52 18.20
C TRP A 19 17.64 10.94 19.27
N GLU A 20 17.07 10.47 20.39
CA GLU A 20 17.90 9.85 21.43
C GLU A 20 18.48 8.53 20.96
N TYR A 21 17.67 7.69 20.31
CA TYR A 21 18.14 6.38 19.89
C TYR A 21 19.27 6.50 18.88
N VAL A 22 19.18 7.46 17.96
CA VAL A 22 20.21 7.60 16.93
C VAL A 22 21.43 8.32 17.48
N THR A 23 21.24 9.55 18.01
CA THR A 23 22.39 10.42 18.26
C THR A 23 23.01 10.20 19.64
N LYS A 24 22.30 9.57 20.57
CA LYS A 24 22.86 9.26 21.87
C LYS A 24 23.18 7.79 22.03
N ASP A 25 22.23 6.88 21.73
CA ASP A 25 22.49 5.45 21.84
C ASP A 25 23.27 4.89 20.66
N LYS A 26 23.30 5.61 19.53
CA LYS A 26 24.03 5.21 18.32
C LYS A 26 23.44 3.94 17.71
N LYS A 27 22.13 3.94 17.53
CA LYS A 27 21.42 2.77 17.00
C LYS A 27 20.61 3.21 15.77
N ILE A 28 20.97 2.68 14.61
CA ILE A 28 20.29 3.03 13.36
C ILE A 28 19.10 2.09 13.14
N CYS A 29 18.14 2.57 12.36
CA CYS A 29 17.00 1.74 11.98
C CYS A 29 17.44 0.58 11.09
N ARG A 30 16.81 -0.58 11.27
CA ARG A 30 17.03 -1.69 10.35
C ARG A 30 16.35 -1.38 9.01
N LEU A 31 17.07 -1.56 7.91
CA LEU A 31 16.55 -1.20 6.60
C LEU A 31 16.62 -2.38 5.65
N PRO A 32 15.59 -2.59 4.78
CA PRO A 32 14.34 -1.81 4.67
C PRO A 32 13.46 -1.90 5.89
N ALA A 33 12.66 -0.86 6.13
CA ALA A 33 11.63 -0.92 7.16
C ALA A 33 10.56 -1.93 6.81
N ASP A 34 9.91 -2.49 7.83
CA ASP A 34 8.84 -3.46 7.60
C ASP A 34 7.63 -2.79 6.95
N VAL A 35 7.32 -1.56 7.35
CA VAL A 35 6.23 -0.78 6.80
C VAL A 35 6.84 0.49 6.22
N THR A 36 6.99 0.52 4.89
CA THR A 36 7.65 1.63 4.24
C THR A 36 6.77 2.87 4.27
N VAL A 37 7.39 4.00 3.90
CA VAL A 37 6.62 5.23 3.71
C VAL A 37 5.49 4.98 2.73
N GLU A 38 5.78 4.32 1.61
CA GLU A 38 4.75 4.08 0.60
C GLU A 38 3.57 3.33 1.20
N MET A 39 3.81 2.34 2.07
CA MET A 39 2.70 1.61 2.65
C MET A 39 1.93 2.44 3.68
N VAL A 40 2.62 3.33 4.39
CA VAL A 40 1.90 4.17 5.35
C VAL A 40 0.93 5.07 4.62
N LEU A 41 1.39 5.71 3.54
CA LEU A 41 0.56 6.66 2.81
C LEU A 41 -0.48 5.95 1.95
N ASN A 42 -0.24 4.70 1.56
CA ASN A 42 -1.25 3.94 0.83
C ASN A 42 -2.43 3.59 1.74
N LYS A 43 -2.12 3.10 2.95
CA LYS A 43 -3.16 2.81 3.93
C LYS A 43 -3.94 4.06 4.32
N TYR A 44 -3.23 5.18 4.53
CA TYR A 44 -3.90 6.42 4.93
C TYR A 44 -4.89 6.87 3.86
N GLU A 45 -4.43 6.98 2.62
CA GLU A 45 -5.30 7.36 1.52
C GLU A 45 -6.45 6.37 1.38
N HIS A 46 -6.17 5.08 1.60
CA HIS A 46 -7.18 4.04 1.42
C HIS A 46 -8.30 4.15 2.44
N GLU A 47 -7.97 4.45 3.69
CA GLU A 47 -9.01 4.61 4.72
C GLU A 47 -9.73 5.95 4.58
N VAL A 48 -8.96 7.03 4.51
CA VAL A 48 -9.55 8.37 4.63
C VAL A 48 -10.41 8.70 3.41
N SER A 49 -10.11 8.12 2.25
CA SER A 49 -10.96 8.39 1.10
C SER A 49 -12.33 7.76 1.23
N GLN A 50 -12.55 6.88 2.21
CA GLN A 50 -13.85 6.27 2.42
C GLN A 50 -14.77 7.14 3.26
N GLU A 51 -14.25 8.22 3.85
CA GLU A 51 -15.02 9.10 4.72
C GLU A 51 -15.14 10.51 4.15
N LEU A 52 -14.88 10.67 2.85
CA LEU A 52 -14.97 11.95 2.16
C LEU A 52 -16.10 11.89 1.14
N GLU A 53 -17.03 12.86 1.22
CA GLU A 53 -18.18 12.88 0.32
C GLU A 53 -17.88 13.59 -0.99
N SER A 54 -17.17 14.71 -0.95
CA SER A 54 -16.97 15.52 -2.14
C SER A 54 -16.03 14.83 -3.11
N PRO A 55 -16.25 14.96 -4.43
CA PRO A 55 -15.26 14.44 -5.39
C PRO A 55 -13.99 15.27 -5.42
N GLY A 56 -14.08 16.59 -5.22
CA GLY A 56 -12.88 17.39 -5.08
C GLY A 56 -12.11 17.08 -3.81
N SER A 57 -12.81 16.63 -2.76
CA SER A 57 -12.14 16.21 -1.53
C SER A 57 -11.24 15.00 -1.78
N GLN A 58 -11.68 14.07 -2.63
CA GLN A 58 -10.90 12.86 -2.88
C GLN A 58 -9.67 13.15 -3.74
N SER A 59 -9.80 14.02 -4.75
CA SER A 59 -8.65 14.39 -5.56
C SER A 59 -7.58 15.08 -4.72
N GLN A 60 -7.96 16.01 -3.85
CA GLN A 60 -6.95 16.75 -3.10
C GLN A 60 -6.20 15.85 -2.13
N LEU A 61 -6.89 14.85 -1.55
CA LEU A 61 -6.19 13.88 -0.70
C LEU A 61 -5.21 13.03 -1.50
N SER A 62 -5.64 12.56 -2.68
CA SER A 62 -4.72 11.78 -3.52
C SER A 62 -3.54 12.62 -3.98
N GLU A 63 -3.78 13.88 -4.33
CA GLU A 63 -2.68 14.76 -4.73
C GLU A 63 -1.78 15.10 -3.53
N TYR A 64 -2.34 15.14 -2.33
CA TYR A 64 -1.51 15.28 -1.14
C TYR A 64 -0.61 14.06 -0.93
N CYS A 65 -1.20 12.87 -0.88
CA CYS A 65 -0.42 11.65 -0.65
C CYS A 65 0.64 11.45 -1.71
N ALA A 66 0.30 11.68 -2.98
CA ALA A 66 1.27 11.55 -4.06
C ALA A 66 2.38 12.59 -3.91
N GLY A 67 2.03 13.85 -3.64
CA GLY A 67 3.04 14.88 -3.50
C GLY A 67 3.97 14.61 -2.32
N LEU A 68 3.41 14.07 -1.22
CA LEU A 68 4.20 13.76 -0.04
C LEU A 68 5.17 12.60 -0.30
N LYS A 69 4.76 11.60 -1.08
CA LYS A 69 5.72 10.57 -1.50
C LYS A 69 6.83 11.18 -2.34
N LEU A 70 6.45 12.00 -3.31
CA LEU A 70 7.42 12.63 -4.18
C LEU A 70 8.41 13.48 -3.40
N TYR A 71 7.91 14.24 -2.43
CA TYR A 71 8.81 15.10 -1.67
C TYR A 71 9.67 14.32 -0.69
N PHE A 72 9.19 13.18 -0.20
CA PHE A 72 10.05 12.36 0.64
C PHE A 72 11.21 11.80 -0.14
N ASP A 73 10.98 11.43 -1.41
CA ASP A 73 12.05 10.89 -2.23
C ASP A 73 13.12 11.95 -2.51
N LYS A 74 12.74 13.22 -2.54
CA LYS A 74 13.70 14.29 -2.78
C LYS A 74 14.42 14.69 -1.52
N CYS A 75 13.72 14.68 -0.38
CA CYS A 75 14.30 15.22 0.84
C CYS A 75 15.20 14.22 1.55
N LEU A 76 14.82 12.94 1.54
CA LEU A 76 15.41 11.95 2.44
C LEU A 76 16.94 12.04 2.50
N GLY A 77 17.58 11.90 1.35
CA GLY A 77 19.04 11.88 1.31
C GLY A 77 19.69 13.23 1.40
N ASN A 78 18.89 14.29 1.32
CA ASN A 78 19.39 15.66 1.37
C ASN A 78 19.29 16.28 2.76
N MET A 79 18.21 15.98 3.51
CA MET A 79 18.00 16.74 4.75
C MET A 79 17.29 15.97 5.85
N LEU A 80 17.03 14.68 5.71
CA LEU A 80 16.28 13.92 6.72
C LEU A 80 17.14 12.92 7.48
N LEU A 81 18.43 12.88 7.23
CA LEU A 81 19.32 11.90 7.84
C LEU A 81 20.18 12.56 8.90
N TYR A 82 20.24 11.95 10.08
CA TYR A 82 21.29 12.27 11.01
C TYR A 82 22.63 11.88 10.39
N ARG A 83 23.71 12.54 10.84
CA ARG A 83 25.04 12.23 10.33
C ARG A 83 25.33 10.74 10.46
N LEU A 84 25.00 10.16 11.62
CA LEU A 84 25.24 8.74 11.87
C LEU A 84 24.57 7.85 10.82
N GLU A 85 23.46 8.31 10.21
CA GLU A 85 22.74 7.46 9.26
C GLU A 85 23.25 7.57 7.84
N ARG A 86 24.31 8.35 7.60
CA ARG A 86 24.78 8.59 6.23
C ARG A 86 25.50 7.39 5.66
N LEU A 87 26.23 6.64 6.50
CA LEU A 87 26.90 5.43 6.03
C LEU A 87 25.87 4.45 5.50
N GLN A 88 24.82 4.19 6.28
CA GLN A 88 23.73 3.34 5.81
C GLN A 88 23.22 3.82 4.45
N TYR A 89 22.97 5.12 4.33
CA TYR A 89 22.46 5.66 3.07
C TYR A 89 23.47 5.51 1.95
N ASP A 90 24.74 5.89 2.21
CA ASP A 90 25.77 5.79 1.19
C ASP A 90 25.96 4.35 0.73
N GLU A 91 25.67 3.38 1.61
CA GLU A 91 25.73 1.97 1.21
C GLU A 91 24.54 1.59 0.34
N LEU A 92 23.33 2.02 0.72
CA LEU A 92 22.17 1.81 -0.14
C LEU A 92 22.42 2.42 -1.52
N LEU A 93 22.90 3.66 -1.54
CA LEU A 93 23.27 4.29 -2.80
C LEU A 93 24.26 3.43 -3.57
N LYS A 94 25.17 2.77 -2.86
CA LYS A 94 26.16 1.93 -3.55
C LYS A 94 25.51 0.68 -4.13
N LYS A 95 24.62 0.04 -3.37
CA LYS A 95 23.88 -1.10 -3.91
C LYS A 95 23.06 -0.70 -5.12
N SER A 96 22.44 0.49 -5.08
CA SER A 96 21.67 0.97 -6.22
C SER A 96 22.54 1.07 -7.48
N SER A 97 23.77 1.55 -7.33
CA SER A 97 24.67 1.65 -8.48
C SER A 97 25.04 0.28 -9.02
N LYS A 98 25.38 -0.66 -8.13
CA LYS A 98 25.83 -1.98 -8.59
C LYS A 98 24.68 -2.77 -9.19
N ASP A 99 23.52 -2.79 -8.53
CA ASP A 99 22.37 -3.56 -9.01
C ASP A 99 21.63 -2.87 -10.16
N GLN A 100 22.10 -1.71 -10.61
CA GLN A 100 21.50 -0.99 -11.74
C GLN A 100 20.00 -0.77 -11.54
N LYS A 101 19.60 -0.46 -10.30
CA LYS A 101 18.21 -0.19 -9.96
C LYS A 101 18.14 1.07 -9.09
N PRO A 102 17.36 2.07 -9.48
CA PRO A 102 17.39 3.36 -8.76
C PRO A 102 16.88 3.22 -7.33
N LEU A 103 17.45 4.04 -6.46
CA LEU A 103 17.03 4.10 -5.06
C LEU A 103 15.71 4.86 -4.96
N VAL A 104 14.70 4.22 -4.39
CA VAL A 104 13.41 4.86 -4.14
C VAL A 104 13.19 4.86 -2.63
N PRO A 105 13.41 6.01 -1.96
CA PRO A 105 13.38 6.02 -0.49
C PRO A 105 12.05 5.58 0.11
N ILE A 106 10.92 6.02 -0.45
CA ILE A 106 9.63 5.62 0.10
C ILE A 106 9.42 4.12 0.12
N ARG A 107 10.30 3.35 -0.50
CA ARG A 107 10.21 1.89 -0.50
C ARG A 107 11.24 1.25 0.41
N ILE A 108 11.98 2.04 1.20
CA ILE A 108 13.03 1.54 2.08
C ILE A 108 12.84 2.03 3.50
N TYR A 109 12.67 3.34 3.68
CA TYR A 109 12.51 3.95 4.98
C TYR A 109 11.05 3.89 5.42
N GLY A 110 10.84 4.21 6.71
CA GLY A 110 9.55 3.99 7.32
C GLY A 110 8.91 5.21 7.94
N ALA A 111 7.98 4.95 8.87
CA ALA A 111 7.12 6.00 9.40
C ALA A 111 7.90 7.11 10.09
N ILE A 112 9.00 6.78 10.77
CA ILE A 112 9.69 7.81 11.55
C ILE A 112 10.35 8.83 10.64
N HIS A 113 10.87 8.39 9.48
CA HIS A 113 11.48 9.34 8.56
C HIS A 113 10.43 10.20 7.88
N LEU A 114 9.23 9.65 7.67
CA LEU A 114 8.11 10.47 7.20
C LEU A 114 7.78 11.56 8.19
N LEU A 115 7.78 11.24 9.49
CA LEU A 115 7.51 12.23 10.52
C LEU A 115 8.63 13.25 10.62
N ARG A 116 9.89 12.83 10.40
CA ARG A 116 10.95 13.81 10.28
C ARG A 116 10.65 14.80 9.16
N LEU A 117 10.19 14.29 8.00
CA LEU A 117 9.85 15.19 6.92
C LEU A 117 8.81 16.22 7.37
N ILE A 118 7.74 15.76 8.02
CA ILE A 118 6.69 16.68 8.46
C ILE A 118 7.26 17.75 9.39
N SER A 119 8.17 17.36 10.29
CA SER A 119 8.71 18.31 11.27
C SER A 119 9.45 19.46 10.60
N VAL A 120 10.02 19.25 9.41
CA VAL A 120 10.72 20.32 8.71
C VAL A 120 9.87 20.99 7.64
N LEU A 121 8.67 20.47 7.38
CA LEU A 121 7.80 21.09 6.39
C LEU A 121 7.52 22.57 6.66
N PRO A 122 7.28 23.01 7.90
CA PRO A 122 7.02 24.45 8.09
C PRO A 122 8.18 25.33 7.63
N GLU A 123 9.41 24.92 7.91
CA GLU A 123 10.55 25.73 7.51
C GLU A 123 10.69 25.76 5.98
N LEU A 124 10.39 24.63 5.32
CA LEU A 124 10.44 24.61 3.85
C LEU A 124 9.37 25.51 3.24
N ILE A 125 8.14 25.45 3.76
CA ILE A 125 7.06 26.28 3.25
C ILE A 125 7.39 27.75 3.40
N SER A 126 8.01 28.10 4.53
CA SER A 126 8.22 29.49 4.90
C SER A 126 9.00 30.28 3.85
N SER A 127 9.96 29.65 3.18
CA SER A 127 10.78 30.36 2.21
C SER A 127 10.21 30.30 0.79
N THR A 128 9.04 29.67 0.60
CA THR A 128 8.54 29.34 -0.72
C THR A 128 7.55 30.40 -1.21
N THR A 129 7.59 30.69 -2.51
CA THR A 129 6.57 31.52 -3.14
C THR A 129 5.38 30.64 -3.51
N MET A 130 4.24 30.90 -2.87
CA MET A 130 3.03 30.14 -3.12
C MET A 130 1.85 30.96 -2.62
N ASP A 131 0.67 30.62 -3.12
CA ASP A 131 -0.56 31.26 -2.66
C ASP A 131 -0.85 30.90 -1.20
N LEU A 132 -1.33 31.89 -0.44
CA LEU A 132 -1.64 31.67 0.96
C LEU A 132 -2.63 30.52 1.15
N GLN A 133 -3.65 30.44 0.29
CA GLN A 133 -4.63 29.38 0.40
C GLN A 133 -4.01 28.02 0.09
N SER A 134 -3.04 27.97 -0.81
CA SER A 134 -2.34 26.71 -1.05
C SER A 134 -1.56 26.28 0.19
N CYS A 135 -0.97 27.24 0.91
CA CYS A 135 -0.27 26.90 2.14
C CYS A 135 -1.23 26.42 3.22
N GLN A 136 -2.40 27.07 3.34
CA GLN A 136 -3.37 26.70 4.37
C GLN A 136 -3.92 25.30 4.12
N LEU A 137 -4.14 24.93 2.85
CA LEU A 137 -4.55 23.57 2.54
C LEU A 137 -3.43 22.59 2.90
N LEU A 138 -2.20 22.90 2.50
CA LEU A 138 -1.04 22.08 2.89
C LEU A 138 -0.97 21.88 4.39
N ILE A 139 -1.19 22.93 5.17
CA ILE A 139 -1.16 22.78 6.63
C ILE A 139 -2.32 21.92 7.10
N LYS A 140 -3.51 22.14 6.54
CA LYS A 140 -4.68 21.37 6.96
C LYS A 140 -4.51 19.88 6.68
N GLN A 141 -4.08 19.54 5.47
CA GLN A 141 -3.94 18.14 5.07
C GLN A 141 -2.90 17.43 5.93
N THR A 142 -1.82 18.14 6.28
CA THR A 142 -0.77 17.55 7.11
C THR A 142 -1.25 17.32 8.54
N GLU A 143 -2.01 18.27 9.08
CA GLU A 143 -2.53 18.09 10.44
C GLU A 143 -3.54 16.94 10.47
N ASP A 144 -4.34 16.80 9.42
CA ASP A 144 -5.22 15.64 9.30
C ASP A 144 -4.40 14.35 9.29
N PHE A 145 -3.36 14.30 8.45
CA PHE A 145 -2.51 13.11 8.43
C PHE A 145 -1.90 12.86 9.81
N LEU A 146 -1.50 13.93 10.51
CA LEU A 146 -0.83 13.78 11.79
C LEU A 146 -1.75 13.14 12.83
N VAL A 147 -3.02 13.57 12.90
CA VAL A 147 -3.90 12.99 13.91
C VAL A 147 -4.32 11.57 13.54
N TRP A 148 -4.23 11.20 12.26
CA TRP A 148 -4.36 9.81 11.85
C TRP A 148 -3.13 8.99 12.25
N LEU A 149 -1.94 9.60 12.13
CA LEU A 149 -0.72 8.93 12.57
C LEU A 149 -0.73 8.71 14.08
N LEU A 150 -1.12 9.75 14.83
CA LEU A 150 -1.26 9.60 16.28
C LEU A 150 -2.26 8.51 16.62
N MET A 151 -3.36 8.44 15.85
CA MET A 151 -4.37 7.40 16.04
C MET A 151 -3.77 6.01 15.90
N HIS A 152 -2.70 5.86 15.12
CA HIS A 152 -2.04 4.59 14.94
C HIS A 152 -0.63 4.57 15.53
N VAL A 153 -0.40 5.37 16.57
CA VAL A 153 0.97 5.55 17.08
C VAL A 153 1.54 4.22 17.57
N ASP A 154 0.70 3.33 18.10
CA ASP A 154 1.21 2.05 18.54
C ASP A 154 1.50 1.12 17.38
N GLU A 155 0.78 1.27 16.27
CA GLU A 155 1.03 0.42 15.11
C GLU A 155 2.37 0.78 14.46
N TYR A 156 2.71 2.06 14.36
CA TYR A 156 3.90 2.43 13.62
C TYR A 156 5.11 2.73 14.48
N PHE A 157 4.93 3.26 15.69
CA PHE A 157 6.07 3.59 16.56
C PHE A 157 6.06 2.79 17.86
N GLN A 176 30.07 13.52 18.23
CA GLN A 176 29.51 12.75 19.32
C GLN A 176 28.13 13.30 19.72
N TYR A 177 27.90 14.58 19.41
CA TYR A 177 26.62 15.22 19.67
C TYR A 177 26.13 15.90 18.39
N GLU A 178 24.89 15.62 18.01
CA GLU A 178 24.31 16.19 16.80
C GLU A 178 22.80 16.22 16.97
N GLY A 179 22.13 16.89 16.03
CA GLY A 179 20.70 16.75 15.86
C GLY A 179 19.82 17.74 16.59
N VAL A 180 20.38 18.82 17.13
CA VAL A 180 19.60 19.88 17.76
C VAL A 180 20.07 21.22 17.21
N ALA A 181 19.14 22.06 16.79
CA ALA A 181 19.43 23.42 16.32
C ALA A 181 18.99 24.38 17.42
N LEU A 182 19.96 24.86 18.19
CA LEU A 182 19.64 25.63 19.38
C LEU A 182 18.99 26.97 19.04
N GLY A 183 19.29 27.54 17.88
CA GLY A 183 18.72 28.80 17.48
C GLY A 183 17.41 28.71 16.74
N MET A 184 16.82 27.53 16.65
CA MET A 184 15.62 27.35 15.87
C MET A 184 14.44 27.06 16.79
N ILE B 3 -1.33 -25.86 -19.33
CA ILE B 3 -0.99 -25.20 -18.07
C ILE B 3 -1.58 -25.96 -16.90
N SER B 4 -0.72 -26.45 -16.02
CA SER B 4 -1.14 -27.09 -14.78
C SER B 4 -0.61 -26.25 -13.61
N LEU B 5 -1.46 -26.03 -12.62
CA LEU B 5 -1.14 -25.16 -11.49
C LEU B 5 -1.39 -25.91 -10.19
N GLN B 6 -0.40 -25.91 -9.31
CA GLN B 6 -0.53 -26.59 -8.02
C GLN B 6 -1.01 -25.58 -6.98
N ILE B 7 -2.28 -25.65 -6.64
CA ILE B 7 -2.88 -24.80 -5.61
C ILE B 7 -2.96 -25.59 -4.31
N PRO B 8 -2.31 -25.14 -3.23
CA PRO B 8 -2.38 -25.85 -1.96
C PRO B 8 -3.82 -26.17 -1.57
N ILE B 9 -4.01 -27.34 -0.96
CA ILE B 9 -5.36 -27.78 -0.58
C ILE B 9 -6.01 -26.78 0.37
N LYS B 10 -5.23 -26.25 1.31
CA LYS B 10 -5.78 -25.26 2.26
C LYS B 10 -6.31 -24.04 1.53
N LEU B 11 -5.67 -23.64 0.43
CA LEU B 11 -6.17 -22.49 -0.32
C LEU B 11 -7.37 -22.89 -1.17
N LYS B 12 -7.44 -24.16 -1.59
CA LYS B 12 -8.64 -24.64 -2.26
C LYS B 12 -9.83 -24.70 -1.29
N SER B 13 -9.59 -25.12 -0.05
CA SER B 13 -10.65 -25.03 0.95
C SER B 13 -11.14 -23.61 1.14
N VAL B 14 -10.23 -22.61 1.08
CA VAL B 14 -10.67 -21.23 1.21
C VAL B 14 -11.62 -20.87 0.06
N LEU B 15 -11.27 -21.26 -1.16
CA LEU B 15 -12.14 -21.00 -2.30
C LEU B 15 -13.48 -21.70 -2.17
N VAL B 16 -13.51 -22.89 -1.56
CA VAL B 16 -14.76 -23.63 -1.40
C VAL B 16 -15.61 -22.98 -0.29
N ASP B 17 -14.97 -22.49 0.77
CA ASP B 17 -15.69 -21.71 1.77
C ASP B 17 -16.31 -20.47 1.14
N ASP B 18 -15.52 -19.76 0.36
CA ASP B 18 -15.97 -18.57 -0.35
C ASP B 18 -17.21 -18.91 -1.18
N TRP B 19 -17.08 -19.89 -2.09
CA TRP B 19 -18.21 -20.40 -2.85
C TRP B 19 -19.42 -20.68 -1.97
N GLU B 20 -19.21 -21.35 -0.84
CA GLU B 20 -20.33 -21.65 0.05
C GLU B 20 -20.94 -20.38 0.63
N TYR B 21 -20.11 -19.42 1.07
CA TYR B 21 -20.65 -18.21 1.68
C TYR B 21 -21.51 -17.43 0.71
N VAL B 22 -21.10 -17.36 -0.55
CA VAL B 22 -21.81 -16.56 -1.54
C VAL B 22 -23.00 -17.33 -2.14
N THR B 23 -22.76 -18.55 -2.66
CA THR B 23 -23.86 -19.18 -3.41
C THR B 23 -24.92 -19.78 -2.49
N LYS B 24 -24.53 -20.24 -1.29
CA LYS B 24 -25.47 -20.85 -0.35
C LYS B 24 -25.88 -19.91 0.77
N ASP B 25 -24.92 -19.26 1.45
CA ASP B 25 -25.28 -18.41 2.59
C ASP B 25 -25.71 -17.01 2.17
N LYS B 26 -25.55 -16.66 0.89
CA LYS B 26 -25.99 -15.36 0.36
C LYS B 26 -25.20 -14.20 0.97
N LYS B 27 -23.92 -14.43 1.24
CA LYS B 27 -23.03 -13.41 1.78
C LYS B 27 -22.08 -12.86 0.73
N ILE B 28 -21.74 -11.59 0.88
CA ILE B 28 -20.75 -10.94 0.03
C ILE B 28 -19.67 -10.37 0.94
N CYS B 29 -18.53 -10.05 0.33
CA CYS B 29 -17.40 -9.55 1.09
C CYS B 29 -17.62 -8.10 1.50
N ARG B 30 -17.06 -7.73 2.65
CA ARG B 30 -16.91 -6.33 3.03
C ARG B 30 -16.02 -5.63 2.01
N LEU B 31 -16.52 -4.54 1.43
CA LEU B 31 -15.76 -3.78 0.44
C LEU B 31 -15.84 -2.28 0.73
N PRO B 32 -14.73 -1.54 0.55
CA PRO B 32 -13.35 -1.95 0.19
C PRO B 32 -12.71 -2.88 1.21
N ALA B 33 -11.84 -3.77 0.76
CA ALA B 33 -11.17 -4.69 1.67
C ALA B 33 -10.26 -3.93 2.62
N ASP B 34 -10.05 -4.53 3.79
CA ASP B 34 -9.10 -3.97 4.75
C ASP B 34 -7.69 -3.99 4.19
N VAL B 35 -7.36 -5.04 3.45
CA VAL B 35 -6.06 -5.19 2.80
C VAL B 35 -6.34 -5.52 1.35
N THR B 36 -6.05 -4.56 0.46
CA THR B 36 -6.41 -4.76 -0.94
C THR B 36 -5.38 -5.64 -1.65
N VAL B 37 -5.77 -6.08 -2.86
CA VAL B 37 -4.85 -6.79 -3.75
C VAL B 37 -3.52 -6.06 -3.85
N GLU B 38 -3.57 -4.74 -4.03
CA GLU B 38 -2.35 -3.95 -4.15
C GLU B 38 -1.46 -4.09 -2.92
N MET B 39 -2.05 -3.99 -1.72
CA MET B 39 -1.22 -4.09 -0.51
C MET B 39 -0.71 -5.50 -0.28
N VAL B 40 -1.49 -6.52 -0.64
CA VAL B 40 -1.02 -7.90 -0.52
C VAL B 40 0.21 -8.12 -1.40
N LEU B 41 0.07 -7.82 -2.69
CA LEU B 41 1.19 -8.00 -3.61
C LEU B 41 2.35 -7.06 -3.28
N ASN B 42 2.09 -5.84 -2.80
CA ASN B 42 3.22 -4.98 -2.40
C ASN B 42 3.96 -5.57 -1.21
N LYS B 43 3.23 -6.04 -0.19
CA LYS B 43 3.87 -6.69 0.94
C LYS B 43 4.66 -7.91 0.48
N TYR B 44 4.13 -8.66 -0.48
CA TYR B 44 4.81 -9.84 -0.99
C TYR B 44 6.11 -9.45 -1.70
N GLU B 45 6.01 -8.57 -2.69
CA GLU B 45 7.20 -8.09 -3.38
C GLU B 45 8.21 -7.50 -2.40
N HIS B 46 7.74 -6.88 -1.31
CA HIS B 46 8.66 -6.21 -0.40
C HIS B 46 9.42 -7.20 0.48
N GLU B 47 8.75 -8.26 0.94
CA GLU B 47 9.42 -9.22 1.81
C GLU B 47 10.42 -10.07 1.02
N VAL B 48 10.00 -10.62 -0.11
CA VAL B 48 10.85 -11.62 -0.75
C VAL B 48 11.94 -10.98 -1.62
N SER B 49 11.74 -9.75 -2.11
CA SER B 49 12.83 -9.06 -2.81
C SER B 49 14.06 -8.88 -1.92
N GLN B 50 13.86 -8.79 -0.61
CA GLN B 50 14.98 -8.67 0.31
C GLN B 50 15.84 -9.93 0.29
N GLU B 51 15.20 -11.10 0.18
CA GLU B 51 15.89 -12.38 0.24
C GLU B 51 16.41 -12.85 -1.12
N LEU B 52 16.16 -12.08 -2.18
CA LEU B 52 16.69 -12.39 -3.51
C LEU B 52 18.06 -11.71 -3.65
N GLU B 53 19.06 -12.38 -4.22
CA GLU B 53 20.41 -11.87 -4.35
C GLU B 53 20.69 -11.28 -5.73
N SER B 54 20.27 -11.96 -6.79
CA SER B 54 20.54 -11.49 -8.15
C SER B 54 19.63 -10.31 -8.50
N PRO B 55 20.12 -9.37 -9.32
CA PRO B 55 19.26 -8.24 -9.73
C PRO B 55 18.22 -8.60 -10.78
N GLY B 56 18.38 -9.72 -11.48
CA GLY B 56 17.37 -10.16 -12.42
C GLY B 56 16.25 -10.87 -11.69
N SER B 57 16.62 -11.65 -10.67
CA SER B 57 15.64 -12.23 -9.76
C SER B 57 14.66 -11.17 -9.25
N GLN B 58 15.20 -10.05 -8.76
CA GLN B 58 14.36 -9.01 -8.19
C GLN B 58 13.56 -8.27 -9.26
N SER B 59 14.02 -8.26 -10.51
CA SER B 59 13.24 -7.62 -11.57
C SER B 59 12.16 -8.55 -12.09
N GLN B 60 12.42 -9.86 -12.13
CA GLN B 60 11.40 -10.82 -12.54
C GLN B 60 10.28 -10.89 -11.51
N LEU B 61 10.63 -10.77 -10.23
CA LEU B 61 9.62 -10.67 -9.18
C LEU B 61 8.78 -9.42 -9.35
N SER B 62 9.44 -8.30 -9.63
CA SER B 62 8.73 -7.04 -9.79
C SER B 62 7.83 -7.06 -11.02
N GLU B 63 8.27 -7.71 -12.10
CA GLU B 63 7.44 -7.79 -13.29
C GLU B 63 6.29 -8.76 -13.11
N TYR B 64 6.44 -9.74 -12.22
CA TYR B 64 5.35 -10.67 -11.95
C TYR B 64 4.23 -10.00 -11.14
N CYS B 65 4.59 -9.34 -10.04
CA CYS B 65 3.58 -8.67 -9.22
C CYS B 65 2.90 -7.55 -10.01
N ALA B 66 3.67 -6.85 -10.85
CA ALA B 66 3.07 -5.82 -11.69
C ALA B 66 2.07 -6.44 -12.67
N GLY B 67 2.48 -7.51 -13.34
CA GLY B 67 1.57 -8.18 -14.27
C GLY B 67 0.33 -8.72 -13.58
N LEU B 68 0.51 -9.41 -12.45
CA LEU B 68 -0.63 -9.92 -11.70
C LEU B 68 -1.60 -8.82 -11.33
N LYS B 69 -1.11 -7.62 -11.01
CA LYS B 69 -2.00 -6.50 -10.74
C LYS B 69 -2.79 -6.14 -12.00
N LEU B 70 -2.14 -6.18 -13.16
CA LEU B 70 -2.82 -5.85 -14.41
C LEU B 70 -3.94 -6.83 -14.71
N TYR B 71 -3.63 -8.14 -14.67
CA TYR B 71 -4.63 -9.16 -15.00
C TYR B 71 -5.87 -9.03 -14.11
N PHE B 72 -5.65 -8.81 -12.81
CA PHE B 72 -6.77 -8.67 -11.89
C PHE B 72 -7.67 -7.51 -12.28
N ASP B 73 -7.07 -6.36 -12.65
CA ASP B 73 -7.90 -5.21 -13.02
C ASP B 73 -8.67 -5.47 -14.30
N LYS B 74 -8.11 -6.27 -15.21
CA LYS B 74 -8.82 -6.62 -16.43
C LYS B 74 -9.90 -7.67 -16.19
N CYS B 75 -9.66 -8.60 -15.27
CA CYS B 75 -10.53 -9.75 -15.14
C CYS B 75 -11.60 -9.61 -14.07
N LEU B 76 -11.40 -8.75 -13.06
CA LEU B 76 -12.30 -8.75 -11.90
C LEU B 76 -13.75 -8.52 -12.32
N GLY B 77 -14.01 -7.43 -13.03
CA GLY B 77 -15.39 -7.09 -13.36
C GLY B 77 -16.07 -8.07 -14.30
N ASN B 78 -15.29 -8.78 -15.09
CA ASN B 78 -15.89 -9.62 -16.13
C ASN B 78 -15.98 -11.10 -15.76
N MET B 79 -15.14 -11.60 -14.87
CA MET B 79 -15.15 -13.03 -14.63
C MET B 79 -14.84 -13.47 -13.20
N LEU B 80 -14.58 -12.55 -12.27
CA LEU B 80 -14.19 -12.95 -10.93
C LEU B 80 -15.30 -12.78 -9.91
N LEU B 81 -16.49 -12.37 -10.34
CA LEU B 81 -17.59 -12.09 -9.44
C LEU B 81 -18.70 -13.13 -9.62
N TYR B 82 -19.23 -13.62 -8.49
CA TYR B 82 -20.47 -14.36 -8.51
C TYR B 82 -21.63 -13.43 -8.86
N ARG B 83 -22.74 -14.03 -9.30
CA ARG B 83 -23.93 -13.25 -9.65
C ARG B 83 -24.35 -12.33 -8.52
N LEU B 84 -24.34 -12.83 -7.28
CA LEU B 84 -24.81 -12.02 -6.15
C LEU B 84 -23.91 -10.81 -5.91
N GLU B 85 -22.63 -10.90 -6.25
CA GLU B 85 -21.73 -9.77 -6.08
C GLU B 85 -21.85 -8.72 -7.17
N ARG B 86 -22.62 -8.98 -8.24
CA ARG B 86 -22.64 -8.06 -9.36
C ARG B 86 -23.24 -6.71 -8.96
N LEU B 87 -24.29 -6.73 -8.13
CA LEU B 87 -24.89 -5.48 -7.65
C LEU B 87 -23.87 -4.63 -6.92
N GLN B 88 -23.14 -5.25 -5.98
CA GLN B 88 -22.09 -4.57 -5.23
C GLN B 88 -21.11 -3.86 -6.16
N TYR B 89 -20.64 -4.59 -7.19
CA TYR B 89 -19.77 -3.99 -8.20
C TYR B 89 -20.42 -2.77 -8.85
N ASP B 90 -21.69 -2.91 -9.25
CA ASP B 90 -22.36 -1.81 -9.95
C ASP B 90 -22.61 -0.61 -9.04
N GLU B 91 -22.70 -0.82 -7.73
CA GLU B 91 -22.82 0.32 -6.82
C GLU B 91 -21.49 1.06 -6.71
N LEU B 92 -20.37 0.35 -6.73
CA LEU B 92 -19.07 1.00 -6.75
C LEU B 92 -18.77 1.60 -8.12
N LEU B 93 -19.19 0.92 -9.19
CA LEU B 93 -18.99 1.50 -10.52
C LEU B 93 -19.72 2.83 -10.65
N LYS B 94 -20.88 2.97 -10.01
CA LYS B 94 -21.63 4.22 -10.05
C LYS B 94 -20.98 5.28 -9.17
N LYS B 95 -20.65 4.94 -7.93
CA LYS B 95 -20.06 5.91 -7.02
C LYS B 95 -18.75 6.46 -7.59
N SER B 96 -18.04 5.66 -8.39
CA SER B 96 -16.83 6.13 -9.05
C SER B 96 -17.17 7.17 -10.12
N SER B 97 -18.14 6.87 -10.97
CA SER B 97 -18.51 7.82 -12.03
C SER B 97 -19.03 9.13 -11.44
N LYS B 98 -19.68 9.06 -10.27
CA LYS B 98 -20.11 10.28 -9.60
C LYS B 98 -18.93 11.00 -8.96
N ASP B 99 -18.09 10.26 -8.25
CA ASP B 99 -16.92 10.85 -7.61
C ASP B 99 -15.78 11.11 -8.59
N GLN B 100 -15.93 10.72 -9.87
CA GLN B 100 -14.94 10.95 -10.91
C GLN B 100 -13.54 10.46 -10.51
N LYS B 101 -13.50 9.45 -9.65
CA LYS B 101 -12.26 8.72 -9.37
C LYS B 101 -12.43 7.31 -9.94
N PRO B 102 -11.72 6.97 -11.02
CA PRO B 102 -11.99 5.71 -11.73
C PRO B 102 -11.88 4.48 -10.82
N LEU B 103 -12.46 3.40 -11.30
CA LEU B 103 -12.46 2.17 -10.54
C LEU B 103 -11.20 1.36 -10.74
N VAL B 104 -10.48 1.14 -9.67
CA VAL B 104 -9.24 0.36 -9.72
C VAL B 104 -9.41 -0.83 -8.79
N PRO B 105 -9.84 -1.98 -9.29
CA PRO B 105 -10.24 -3.09 -8.41
C PRO B 105 -9.14 -3.55 -7.45
N ILE B 106 -7.86 -3.51 -7.85
CA ILE B 106 -6.78 -3.87 -6.94
C ILE B 106 -6.71 -2.96 -5.73
N ARG B 107 -7.42 -1.84 -5.75
CA ARG B 107 -7.47 -0.93 -4.63
C ARG B 107 -8.77 -1.04 -3.86
N ILE B 108 -9.61 -2.03 -4.18
CA ILE B 108 -10.89 -2.17 -3.53
C ILE B 108 -11.06 -3.60 -3.02
N TYR B 109 -10.84 -4.58 -3.90
CA TYR B 109 -10.98 -5.98 -3.52
C TYR B 109 -9.72 -6.45 -2.79
N GLY B 110 -9.76 -7.68 -2.29
CA GLY B 110 -8.73 -8.19 -1.41
C GLY B 110 -8.21 -9.55 -1.86
N ALA B 111 -7.69 -10.29 -0.88
CA ALA B 111 -7.00 -11.55 -1.17
C ALA B 111 -7.95 -12.62 -1.70
N ILE B 112 -9.20 -12.65 -1.23
CA ILE B 112 -10.15 -13.67 -1.71
C ILE B 112 -10.26 -13.60 -3.22
N HIS B 113 -10.44 -12.39 -3.77
CA HIS B 113 -10.64 -12.26 -5.21
C HIS B 113 -9.34 -12.47 -5.97
N LEU B 114 -8.21 -12.10 -5.38
CA LEU B 114 -6.92 -12.43 -5.98
C LEU B 114 -6.74 -13.94 -6.09
N LEU B 115 -7.19 -14.68 -5.08
CA LEU B 115 -7.11 -16.13 -5.13
C LEU B 115 -8.05 -16.68 -6.21
N ARG B 116 -9.20 -16.04 -6.41
CA ARG B 116 -10.08 -16.41 -7.52
C ARG B 116 -9.37 -16.20 -8.86
N LEU B 117 -8.60 -15.12 -8.98
CA LEU B 117 -7.84 -14.88 -10.21
C LEU B 117 -6.85 -16.00 -10.47
N ILE B 118 -6.18 -16.49 -9.42
CA ILE B 118 -5.20 -17.55 -9.59
C ILE B 118 -5.89 -18.84 -10.02
N SER B 119 -7.12 -19.05 -9.53
CA SER B 119 -7.85 -20.27 -9.88
C SER B 119 -8.12 -20.34 -11.37
N VAL B 120 -8.33 -19.20 -12.03
CA VAL B 120 -8.61 -19.17 -13.46
C VAL B 120 -7.38 -18.89 -14.30
N LEU B 121 -6.22 -18.62 -13.68
CA LEU B 121 -5.02 -18.30 -14.45
C LEU B 121 -4.61 -19.36 -15.45
N PRO B 122 -4.74 -20.67 -15.19
CA PRO B 122 -4.42 -21.65 -16.24
C PRO B 122 -5.24 -21.47 -17.51
N GLU B 123 -6.55 -21.25 -17.38
CA GLU B 123 -7.37 -21.06 -18.57
C GLU B 123 -7.10 -19.70 -19.23
N LEU B 124 -6.45 -18.78 -18.53
CA LEU B 124 -6.04 -17.53 -19.18
C LEU B 124 -4.79 -17.73 -20.02
N ILE B 125 -3.83 -18.51 -19.52
CA ILE B 125 -2.62 -18.80 -20.30
C ILE B 125 -2.98 -19.55 -21.57
N SER B 126 -3.96 -20.47 -21.46
CA SER B 126 -4.39 -21.23 -22.64
C SER B 126 -5.03 -20.33 -23.68
N SER B 127 -5.82 -19.35 -23.24
CA SER B 127 -6.52 -18.42 -24.13
C SER B 127 -5.64 -17.26 -24.60
N THR B 128 -4.32 -17.39 -24.49
CA THR B 128 -3.41 -16.31 -24.85
C THR B 128 -2.22 -16.88 -25.62
N THR B 129 -1.83 -16.18 -26.69
CA THR B 129 -0.66 -16.56 -27.48
C THR B 129 0.59 -16.03 -26.78
N MET B 130 1.37 -16.95 -26.22
CA MET B 130 2.56 -16.55 -25.50
C MET B 130 3.68 -17.56 -25.69
N ASP B 131 4.90 -17.14 -25.43
CA ASP B 131 6.05 -18.02 -25.61
C ASP B 131 6.30 -18.84 -24.36
N LEU B 132 7.02 -19.95 -24.55
CA LEU B 132 7.15 -20.94 -23.48
C LEU B 132 7.87 -20.37 -22.26
N GLN B 133 8.91 -19.56 -22.49
CA GLN B 133 9.61 -18.96 -21.37
C GLN B 133 8.66 -18.17 -20.48
N SER B 134 7.79 -17.37 -21.09
CA SER B 134 6.84 -16.57 -20.32
C SER B 134 5.84 -17.46 -19.58
N CYS B 135 5.46 -18.58 -20.20
CA CYS B 135 4.51 -19.49 -19.57
C CYS B 135 5.13 -20.14 -18.33
N GLN B 136 6.35 -20.67 -18.48
CA GLN B 136 6.99 -21.36 -17.36
C GLN B 136 7.21 -20.41 -16.18
N LEU B 137 7.58 -19.16 -16.47
CA LEU B 137 7.81 -18.18 -15.40
C LEU B 137 6.51 -17.85 -14.67
N LEU B 138 5.45 -17.56 -15.43
CA LEU B 138 4.14 -17.31 -14.83
C LEU B 138 3.75 -18.44 -13.88
N ILE B 139 3.89 -19.69 -14.31
CA ILE B 139 3.54 -20.83 -13.47
C ILE B 139 4.43 -20.89 -12.24
N LYS B 140 5.75 -20.74 -12.43
CA LYS B 140 6.68 -20.82 -11.31
C LYS B 140 6.45 -19.71 -10.30
N GLN B 141 6.32 -18.46 -10.76
CA GLN B 141 6.12 -17.35 -9.83
C GLN B 141 4.79 -17.50 -9.10
N THR B 142 3.76 -17.99 -9.78
CA THR B 142 2.47 -18.17 -9.12
C THR B 142 2.58 -19.18 -7.99
N GLU B 143 3.25 -20.31 -8.25
CA GLU B 143 3.36 -21.33 -7.21
C GLU B 143 4.18 -20.82 -6.03
N ASP B 144 5.21 -20.02 -6.28
CA ASP B 144 5.92 -19.38 -5.16
C ASP B 144 4.97 -18.50 -4.36
N PHE B 145 4.23 -17.63 -5.06
CA PHE B 145 3.30 -16.72 -4.38
C PHE B 145 2.29 -17.50 -3.55
N LEU B 146 1.78 -18.61 -4.10
CA LEU B 146 0.81 -19.43 -3.38
C LEU B 146 1.40 -20.00 -2.09
N VAL B 147 2.67 -20.43 -2.13
CA VAL B 147 3.35 -20.86 -0.91
C VAL B 147 3.30 -19.75 0.13
N TRP B 148 3.58 -18.52 -0.31
CA TRP B 148 3.61 -17.38 0.60
C TRP B 148 2.22 -17.11 1.18
N LEU B 149 1.20 -17.13 0.32
CA LEU B 149 -0.16 -16.92 0.78
C LEU B 149 -0.57 -17.97 1.80
N LEU B 150 -0.16 -19.22 1.56
CA LEU B 150 -0.42 -20.28 2.52
C LEU B 150 0.17 -19.93 3.89
N MET B 151 1.41 -19.45 3.94
CA MET B 151 1.99 -19.03 5.20
C MET B 151 1.14 -17.97 5.89
N HIS B 152 0.46 -17.12 5.10
CA HIS B 152 -0.37 -16.04 5.61
C HIS B 152 -1.86 -16.37 5.55
N VAL B 153 -2.22 -17.65 5.55
CA VAL B 153 -3.62 -18.02 5.35
C VAL B 153 -4.49 -17.48 6.48
N ASP B 154 -3.95 -17.41 7.70
CA ASP B 154 -4.72 -16.91 8.83
C ASP B 154 -4.83 -15.39 8.83
N GLU B 155 -3.80 -14.70 8.34
CA GLU B 155 -3.83 -13.25 8.27
C GLU B 155 -4.87 -12.75 7.28
N TYR B 156 -5.02 -13.43 6.14
CA TYR B 156 -5.85 -12.93 5.05
C TYR B 156 -7.19 -13.64 4.88
N PHE B 157 -7.38 -14.82 5.45
CA PHE B 157 -8.58 -15.59 5.14
C PHE B 157 -9.34 -16.04 6.39
N ASN B 158 -9.17 -15.36 7.52
CA ASN B 158 -9.89 -15.75 8.73
C ASN B 158 -10.92 -14.70 9.14
N ALA B 168 -15.63 -8.80 10.28
CA ALA B 168 -15.54 -10.06 9.57
C ALA B 168 -15.12 -9.87 8.12
N LEU B 169 -14.85 -10.98 7.42
CA LEU B 169 -14.50 -10.90 6.01
C LEU B 169 -15.75 -10.80 5.14
N TYR B 170 -16.82 -11.47 5.53
CA TYR B 170 -18.08 -11.49 4.79
C TYR B 170 -19.17 -10.82 5.61
N VAL B 171 -20.16 -10.24 4.91
CA VAL B 171 -21.33 -9.67 5.54
C VAL B 171 -22.57 -10.31 4.95
N ASN B 172 -23.63 -10.38 5.76
CA ASN B 172 -24.91 -10.85 5.27
C ASN B 172 -25.56 -9.80 4.38
N THR B 173 -26.29 -10.27 3.37
CA THR B 173 -27.01 -9.38 2.48
C THR B 173 -28.45 -9.21 2.95
N SER B 174 -28.92 -7.97 2.96
CA SER B 174 -30.31 -7.69 3.29
C SER B 174 -31.27 -8.36 2.29
N SER B 175 -32.54 -8.35 2.65
CA SER B 175 -33.55 -8.86 1.73
C SER B 175 -33.68 -7.96 0.51
N GLN B 176 -33.57 -6.65 0.72
CA GLN B 176 -33.61 -5.72 -0.41
C GLN B 176 -32.44 -5.97 -1.36
N TYR B 177 -31.23 -6.10 -0.82
CA TYR B 177 -30.07 -6.34 -1.67
C TYR B 177 -30.26 -7.63 -2.48
N GLU B 178 -30.55 -8.74 -1.80
CA GLU B 178 -30.68 -10.02 -2.49
C GLU B 178 -31.83 -9.98 -3.50
N GLY B 179 -32.93 -9.29 -3.17
CA GLY B 179 -34.02 -9.16 -4.12
C GLY B 179 -33.63 -8.40 -5.37
N VAL B 180 -32.77 -7.37 -5.22
CA VAL B 180 -32.33 -6.62 -6.39
C VAL B 180 -31.24 -7.36 -7.16
N ALA B 181 -30.31 -8.01 -6.45
CA ALA B 181 -29.19 -8.65 -7.14
C ALA B 181 -29.63 -9.93 -7.84
N LEU B 182 -30.39 -10.77 -7.15
CA LEU B 182 -30.79 -12.07 -7.67
C LEU B 182 -32.17 -12.09 -8.32
N GLY B 183 -32.95 -11.02 -8.18
CA GLY B 183 -34.30 -11.02 -8.68
C GLY B 183 -35.32 -11.73 -7.81
N MET B 184 -34.92 -12.20 -6.63
CA MET B 184 -35.81 -12.92 -5.75
C MET B 184 -36.89 -12.00 -5.19
N LEU C 4 5.87 -9.90 -18.87
CA LEU C 4 4.60 -10.52 -18.53
C LEU C 4 3.49 -9.48 -18.47
N LEU C 5 3.89 -8.21 -18.64
CA LEU C 5 2.95 -7.10 -18.61
C LEU C 5 2.37 -6.79 -19.98
N GLU C 6 3.12 -7.05 -21.05
CA GLU C 6 2.60 -6.87 -22.40
C GLU C 6 1.53 -7.92 -22.72
N LEU C 7 1.51 -9.04 -22.00
CA LEU C 7 0.46 -10.03 -22.22
C LEU C 7 -0.87 -9.59 -21.62
N ASN C 8 -0.86 -8.59 -20.73
CA ASN C 8 -2.11 -8.10 -20.14
C ASN C 8 -3.02 -7.48 -21.18
N ASN C 9 -2.47 -7.01 -22.30
CA ASN C 9 -3.28 -6.55 -23.42
C ASN C 9 -3.70 -7.67 -24.35
N ARG C 10 -3.16 -8.88 -24.17
CA ARG C 10 -3.41 -9.99 -25.07
C ARG C 10 -4.20 -11.14 -24.44
N ILE C 11 -4.52 -11.07 -23.14
CA ILE C 11 -5.33 -12.10 -22.51
C ILE C 11 -6.79 -11.86 -22.86
N ARG C 12 -7.50 -12.94 -23.16
CA ARG C 12 -8.91 -12.86 -23.56
C ARG C 12 -9.78 -12.98 -22.32
N VAL C 13 -10.38 -11.86 -21.91
CA VAL C 13 -11.26 -11.85 -20.75
C VAL C 13 -12.65 -12.27 -21.20
N ARG C 14 -13.12 -13.39 -20.68
CA ARG C 14 -14.49 -13.84 -20.91
C ARG C 14 -15.43 -13.21 -19.91
N LYS C 15 -16.58 -12.73 -20.40
CA LYS C 15 -17.55 -12.05 -19.54
C LYS C 15 -18.48 -13.08 -18.88
N GLN C 16 -17.89 -13.86 -17.98
CA GLN C 16 -18.54 -14.98 -17.32
C GLN C 16 -18.93 -14.65 -15.88
N ASP C 17 -19.84 -15.45 -15.34
CA ASP C 17 -20.00 -15.52 -13.90
C ASP C 17 -18.94 -16.45 -13.33
N PHE C 18 -18.39 -16.08 -12.18
CA PHE C 18 -17.33 -16.89 -11.59
C PHE C 18 -17.88 -18.19 -11.03
N THR C 19 -17.16 -19.27 -11.26
CA THR C 19 -17.44 -20.52 -10.58
C THR C 19 -16.13 -21.28 -10.45
N LEU C 20 -16.18 -22.40 -9.74
CA LEU C 20 -15.06 -23.33 -9.59
C LEU C 20 -15.26 -24.54 -10.49
N PRO C 21 -14.19 -25.09 -11.05
CA PRO C 21 -14.34 -26.33 -11.84
C PRO C 21 -14.56 -27.51 -10.92
N TRP C 22 -15.60 -28.30 -11.24
CA TRP C 22 -15.96 -29.42 -10.36
C TRP C 22 -14.83 -30.44 -10.25
N GLU C 23 -14.03 -30.61 -11.31
CA GLU C 23 -13.02 -31.65 -11.31
C GLU C 23 -11.88 -31.35 -10.35
N GLU C 24 -11.69 -30.10 -9.94
CA GLU C 24 -10.67 -29.74 -8.98
C GLU C 24 -11.21 -29.45 -7.59
N TYR C 25 -12.50 -29.14 -7.45
CA TYR C 25 -13.07 -28.70 -6.19
C TYR C 25 -14.25 -29.54 -5.71
N GLY C 26 -14.68 -30.55 -6.49
CA GLY C 26 -15.83 -31.36 -6.08
C GLY C 26 -15.55 -32.25 -4.89
N GLU C 27 -14.35 -32.85 -4.83
CA GLU C 27 -13.93 -33.59 -3.64
C GLU C 27 -14.16 -32.78 -2.37
N LEU C 28 -13.71 -31.53 -2.35
CA LEU C 28 -13.81 -30.72 -1.14
C LEU C 28 -15.24 -30.30 -0.87
N ILE C 29 -15.97 -29.93 -1.93
CA ILE C 29 -17.39 -29.61 -1.80
C ILE C 29 -18.17 -30.77 -1.19
N LEU C 30 -17.92 -32.00 -1.66
CA LEU C 30 -18.68 -33.14 -1.16
C LEU C 30 -18.27 -33.51 0.26
N GLU C 31 -17.00 -33.27 0.63
CA GLU C 31 -16.58 -33.48 2.01
C GLU C 31 -17.25 -32.48 2.93
N ASN C 32 -17.61 -31.30 2.40
CA ASN C 32 -18.31 -30.29 3.18
C ASN C 32 -19.77 -30.66 3.38
N ALA C 33 -20.36 -31.39 2.43
CA ALA C 33 -21.74 -31.86 2.61
C ALA C 33 -21.82 -32.97 3.63
N ARG C 34 -20.74 -33.69 3.83
CA ARG C 34 -20.73 -34.80 4.76
C ARG C 34 -20.44 -34.37 6.20
N LYS C 35 -19.75 -33.23 6.33
CA LYS C 35 -19.45 -32.66 7.65
C LYS C 35 -20.71 -32.15 8.32
N GLU D 1 -5.68 27.44 -5.06
CA GLU D 1 -5.27 26.36 -4.18
C GLU D 1 -4.49 25.30 -4.94
N GLU D 2 -3.17 25.34 -4.83
CA GLU D 2 -2.32 24.32 -5.41
C GLU D 2 -1.99 23.26 -4.37
N THR D 3 -1.99 22.00 -4.80
CA THR D 3 -1.70 20.89 -3.91
C THR D 3 -0.19 20.62 -3.87
N LEU D 4 0.21 19.79 -2.90
CA LEU D 4 1.63 19.49 -2.72
C LEU D 4 2.24 18.89 -3.99
N LEU D 5 1.45 18.09 -4.73
CA LEU D 5 1.98 17.48 -5.94
C LEU D 5 2.37 18.53 -6.98
N GLU D 6 1.59 19.59 -7.10
CA GLU D 6 1.93 20.68 -8.01
C GLU D 6 2.97 21.63 -7.41
N LEU D 7 3.12 21.70 -6.10
CA LEU D 7 4.15 22.52 -5.46
C LEU D 7 5.49 21.79 -5.29
N ASN D 8 5.57 20.54 -5.73
CA ASN D 8 6.73 19.69 -5.44
C ASN D 8 8.05 20.34 -5.87
N ASN D 9 8.08 20.90 -7.09
CA ASN D 9 9.31 21.45 -7.63
C ASN D 9 9.49 22.94 -7.32
N ARG D 10 8.67 23.53 -6.46
CA ARG D 10 8.86 24.91 -6.04
C ARG D 10 9.33 25.06 -4.61
N ILE D 11 9.09 24.08 -3.75
CA ILE D 11 9.55 24.13 -2.37
C ILE D 11 10.99 23.62 -2.35
N ARG D 12 11.94 24.54 -2.18
CA ARG D 12 13.35 24.15 -2.25
C ARG D 12 13.70 23.18 -1.14
N VAL D 13 14.57 22.22 -1.47
CA VAL D 13 15.11 21.26 -0.51
C VAL D 13 16.42 21.79 0.04
N ARG D 14 16.59 21.69 1.35
CA ARG D 14 17.86 22.01 1.96
C ARG D 14 18.81 20.83 1.81
N LYS D 15 20.10 21.12 1.85
CA LYS D 15 21.14 20.12 2.02
C LYS D 15 21.74 20.37 3.39
N GLN D 16 21.44 19.49 4.34
CA GLN D 16 21.89 19.68 5.71
C GLN D 16 21.64 18.39 6.47
N ASP D 17 22.35 18.23 7.57
CA ASP D 17 22.06 17.14 8.48
C ASP D 17 20.78 17.44 9.23
N PHE D 18 19.95 16.42 9.44
CA PHE D 18 18.65 16.61 10.06
C PHE D 18 18.83 17.05 11.51
N THR D 19 18.00 17.99 11.95
CA THR D 19 17.97 18.43 13.34
C THR D 19 16.53 18.66 13.76
N LEU D 20 16.30 18.63 15.07
CA LEU D 20 15.09 19.12 15.73
C LEU D 20 15.30 20.56 16.21
N PRO D 21 14.34 21.45 15.94
CA PRO D 21 14.48 22.83 16.42
C PRO D 21 14.23 22.96 17.91
N TRP D 22 15.08 23.77 18.57
CA TRP D 22 15.03 23.85 20.02
C TRP D 22 13.75 24.49 20.52
N GLU D 23 13.25 25.51 19.82
CA GLU D 23 12.07 26.20 20.29
C GLU D 23 10.85 25.27 20.38
N GLU D 24 10.78 24.25 19.53
CA GLU D 24 9.64 23.34 19.55
C GLU D 24 9.88 22.04 20.30
N TYR D 25 11.13 21.59 20.44
CA TYR D 25 11.42 20.29 21.02
C TYR D 25 12.30 20.36 22.26
N GLY D 26 12.77 21.55 22.64
CA GLY D 26 13.77 21.65 23.70
C GLY D 26 13.27 21.13 25.04
N GLU D 27 12.04 21.49 25.42
CA GLU D 27 11.48 20.96 26.66
C GLU D 27 11.41 19.44 26.64
N LEU D 28 11.12 18.83 25.48
CA LEU D 28 11.09 17.37 25.42
C LEU D 28 12.49 16.78 25.42
N ILE D 29 13.44 17.46 24.77
CA ILE D 29 14.83 16.98 24.77
C ILE D 29 15.41 17.02 26.17
N LEU D 30 15.05 18.02 26.96
CA LEU D 30 15.62 18.08 28.30
C LEU D 30 14.98 17.05 29.22
N GLU D 31 13.67 16.86 29.09
CA GLU D 31 13.00 15.78 29.82
C GLU D 31 13.55 14.42 29.41
N ASN D 32 13.89 14.25 28.14
CA ASN D 32 14.41 12.98 27.69
C ASN D 32 15.75 12.65 28.36
N ALA D 33 16.50 13.67 28.75
CA ALA D 33 17.79 13.43 29.40
C ALA D 33 17.62 12.84 30.79
N ARG D 34 16.47 13.09 31.43
CA ARG D 34 16.23 12.70 32.80
C ARG D 34 15.58 11.31 32.92
N LYS D 35 15.57 10.51 31.84
CA LYS D 35 15.09 9.14 31.93
C LYS D 35 16.18 8.16 32.36
#